data_9HBB
#
_entry.id   9HBB
#
_entity_poly.entity_id   1
_entity_poly.type   'polypeptide(L)'
_entity_poly.pdbx_seq_one_letter_code
;CGSKDNIKHVPGGGSVQIVYKPVDLSKVTSKCGSLGNIHHKPGGGQVEVKSEKLDFKDRVQSKIGSLDNITHVPGGGNKK
IETHKLTFRENAKAKTDHGAE
;
_entity_poly.pdbx_strand_id   A,B,C,D,E,F
#
# COMPACT_ATOMS: atom_id res chain seq x y z
N GLY A 14 -49.73 -34.96 -35.76
CA GLY A 14 -50.19 -34.64 -34.41
C GLY A 14 -49.91 -33.18 -34.06
N SER A 15 -50.93 -32.42 -33.72
CA SER A 15 -50.82 -30.99 -33.43
C SER A 15 -49.99 -30.68 -32.17
N VAL A 16 -49.01 -29.81 -32.30
CA VAL A 16 -48.35 -29.13 -31.16
C VAL A 16 -48.63 -27.64 -31.27
N GLN A 17 -49.21 -27.07 -30.23
CA GLN A 17 -49.47 -25.64 -30.11
C GLN A 17 -48.69 -25.07 -28.92
N ILE A 18 -47.97 -23.98 -29.14
CA ILE A 18 -47.35 -23.21 -28.06
C ILE A 18 -47.80 -21.76 -28.18
N VAL A 19 -48.09 -21.14 -27.05
CA VAL A 19 -48.30 -19.70 -26.95
C VAL A 19 -47.40 -19.23 -25.81
N TYR A 20 -46.59 -18.21 -26.09
CA TYR A 20 -45.72 -17.59 -25.13
C TYR A 20 -46.00 -16.10 -25.24
N LYS A 21 -46.37 -15.48 -24.13
CA LYS A 21 -46.95 -14.12 -24.11
C LYS A 21 -46.77 -13.43 -22.75
N PRO A 22 -45.56 -13.47 -22.14
CA PRO A 22 -45.32 -12.84 -20.85
C PRO A 22 -45.65 -11.35 -20.90
N VAL A 23 -46.43 -10.86 -19.95
CA VAL A 23 -46.83 -9.44 -19.87
C VAL A 23 -46.03 -8.76 -18.76
N ASP A 24 -45.47 -7.61 -19.08
CA ASP A 24 -44.58 -6.88 -18.19
C ASP A 24 -44.91 -5.38 -18.21
N LEU A 25 -45.53 -4.91 -17.14
CA LEU A 25 -45.76 -3.49 -16.83
C LEU A 25 -44.83 -3.04 -15.68
N SER A 26 -43.84 -3.84 -15.30
CA SER A 26 -43.02 -3.59 -14.12
C SER A 26 -42.14 -2.36 -14.29
N LYS A 27 -41.77 -1.73 -13.17
CA LYS A 27 -40.85 -0.59 -13.16
C LYS A 27 -39.78 -0.67 -12.09
N VAL A 28 -38.55 -0.36 -12.46
CA VAL A 28 -37.43 -0.12 -11.57
C VAL A 28 -37.22 1.38 -11.53
N THR A 29 -37.14 1.98 -10.34
CA THR A 29 -37.30 3.43 -10.17
C THR A 29 -36.49 3.95 -8.99
N SER A 30 -36.10 5.22 -9.01
CA SER A 30 -35.41 5.87 -7.89
C SER A 30 -35.69 7.36 -7.80
N LYS A 31 -35.61 7.89 -6.57
CA LYS A 31 -35.43 9.30 -6.26
C LYS A 31 -34.30 9.45 -5.24
N CYS A 32 -33.54 10.54 -5.36
CA CYS A 32 -32.36 10.81 -4.55
C CYS A 32 -32.25 12.33 -4.30
N GLY A 33 -31.65 12.75 -3.19
CA GLY A 33 -31.31 14.15 -2.96
C GLY A 33 -30.04 14.55 -3.71
N SER A 34 -29.28 15.49 -3.16
CA SER A 34 -27.93 15.77 -3.67
C SER A 34 -27.08 14.49 -3.63
N LEU A 35 -26.46 14.12 -4.75
CA LEU A 35 -25.52 13.00 -4.83
C LEU A 35 -24.11 13.58 -5.04
N GLY A 36 -23.19 13.39 -4.10
CA GLY A 36 -21.88 14.03 -4.18
C GLY A 36 -21.05 13.93 -2.90
N ASN A 37 -19.96 14.70 -2.80
CA ASN A 37 -19.02 14.65 -1.69
C ASN A 37 -18.48 13.22 -1.48
N ILE A 38 -18.07 12.57 -2.57
CA ILE A 38 -17.57 11.20 -2.60
C ILE A 38 -16.09 11.23 -2.99
N HIS A 39 -15.21 10.67 -2.17
CA HIS A 39 -13.76 10.70 -2.33
C HIS A 39 -13.21 9.29 -2.42
N HIS A 40 -12.46 8.96 -3.47
CA HIS A 40 -11.76 7.69 -3.60
C HIS A 40 -10.27 7.95 -3.83
N LYS A 41 -9.42 7.58 -2.87
CA LYS A 41 -8.01 7.98 -2.83
C LYS A 41 -7.09 6.81 -2.47
N PRO A 42 -6.76 5.89 -3.40
CA PRO A 42 -5.93 4.72 -3.12
C PRO A 42 -4.42 4.99 -3.07
N GLY A 43 -3.75 4.45 -2.05
CA GLY A 43 -2.32 4.50 -1.82
C GLY A 43 -1.50 3.44 -2.55
N GLY A 44 -1.66 3.33 -3.86
CA GLY A 44 -0.81 2.48 -4.71
C GLY A 44 -1.01 0.98 -4.45
N GLY A 45 0.08 0.23 -4.45
CA GLY A 45 0.09 -1.23 -4.33
C GLY A 45 1.11 -1.89 -5.25
N GLN A 46 1.36 -3.19 -5.10
CA GLN A 46 2.30 -3.92 -5.96
C GLN A 46 1.82 -5.34 -6.30
N VAL A 47 2.05 -5.76 -7.53
CA VAL A 47 1.62 -7.07 -8.05
C VAL A 47 2.74 -7.75 -8.83
N GLU A 48 2.87 -9.07 -8.68
CA GLU A 48 3.70 -9.94 -9.51
C GLU A 48 2.95 -11.21 -9.92
N VAL A 49 3.08 -11.64 -11.17
CA VAL A 49 2.62 -12.96 -11.62
C VAL A 49 3.72 -13.62 -12.44
N LYS A 50 3.94 -14.93 -12.26
CA LYS A 50 4.80 -15.76 -13.10
C LYS A 50 4.02 -16.93 -13.67
N SER A 51 4.26 -17.24 -14.93
CA SER A 51 3.77 -18.42 -15.68
C SER A 51 4.75 -18.74 -16.80
N GLU A 52 4.82 -20.00 -17.24
CA GLU A 52 5.58 -20.38 -18.45
C GLU A 52 4.66 -20.54 -19.67
N LYS A 53 3.49 -21.14 -19.49
CA LYS A 53 2.52 -21.38 -20.58
C LYS A 53 1.11 -20.97 -20.22
N LEU A 54 0.40 -20.45 -21.21
CA LEU A 54 -1.03 -20.15 -21.20
C LEU A 54 -1.67 -20.88 -22.39
N ASP A 55 -2.85 -21.48 -22.22
CA ASP A 55 -3.52 -22.23 -23.29
C ASP A 55 -5.04 -22.06 -23.24
N PHE A 56 -5.51 -20.82 -23.42
CA PHE A 56 -6.90 -20.43 -23.32
C PHE A 56 -7.67 -20.74 -24.61
N LYS A 57 -8.69 -21.61 -24.56
CA LYS A 57 -9.55 -22.05 -25.68
C LYS A 57 -11.02 -21.85 -25.34
N ASP A 58 -11.86 -21.57 -26.33
CA ASP A 58 -13.27 -21.23 -26.16
C ASP A 58 -13.49 -20.01 -25.25
N ARG A 59 -14.66 -19.88 -24.62
CA ARG A 59 -15.17 -18.66 -23.95
C ARG A 59 -14.51 -18.31 -22.59
N VAL A 60 -13.18 -18.24 -22.57
CA VAL A 60 -12.38 -17.74 -21.44
C VAL A 60 -12.47 -16.22 -21.35
N GLN A 61 -12.74 -15.69 -20.16
CA GLN A 61 -12.42 -14.34 -19.71
C GLN A 61 -11.30 -14.44 -18.68
N SER A 62 -10.24 -13.64 -18.82
CA SER A 62 -9.08 -13.69 -17.93
C SER A 62 -8.47 -12.32 -17.70
N LYS A 63 -8.23 -11.95 -16.43
CA LYS A 63 -7.42 -10.80 -16.03
C LYS A 63 -6.21 -11.28 -15.27
N ILE A 64 -4.99 -10.95 -15.71
CA ILE A 64 -3.75 -11.34 -15.03
C ILE A 64 -2.97 -10.08 -14.64
N GLY A 65 -2.66 -9.91 -13.37
CA GLY A 65 -1.85 -8.81 -12.87
C GLY A 65 -2.56 -7.44 -12.84
N SER A 66 -3.86 -7.37 -12.60
CA SER A 66 -4.57 -6.09 -12.49
C SER A 66 -4.22 -5.33 -11.21
N LEU A 67 -4.27 -4.01 -11.28
CA LEU A 67 -4.17 -3.06 -10.17
C LEU A 67 -5.12 -1.91 -10.47
N ASP A 68 -6.42 -2.21 -10.47
CA ASP A 68 -7.45 -1.37 -11.07
C ASP A 68 -8.26 -0.60 -10.03
N ASN A 69 -8.39 0.73 -10.19
CA ASN A 69 -9.19 1.60 -9.33
C ASN A 69 -10.43 2.09 -10.09
N ILE A 70 -11.62 1.94 -9.53
CA ILE A 70 -12.88 2.36 -10.15
C ILE A 70 -13.65 3.27 -9.18
N THR A 71 -14.15 4.41 -9.66
CA THR A 71 -15.14 5.23 -8.98
C THR A 71 -16.36 5.34 -9.87
N HIS A 72 -17.54 4.97 -9.37
CA HIS A 72 -18.76 4.82 -10.16
C HIS A 72 -19.95 5.39 -9.41
N VAL A 73 -20.51 6.50 -9.88
CA VAL A 73 -21.50 7.30 -9.14
C VAL A 73 -22.64 7.75 -10.07
N PRO A 74 -23.46 6.83 -10.59
CA PRO A 74 -24.59 7.18 -11.45
C PRO A 74 -25.76 7.74 -10.64
N GLY A 75 -26.46 8.75 -11.15
CA GLY A 75 -27.62 9.35 -10.48
C GLY A 75 -28.85 8.44 -10.37
N GLY A 76 -28.93 7.41 -11.21
CA GLY A 76 -29.87 6.30 -11.11
C GLY A 76 -29.12 4.99 -10.87
N GLY A 77 -28.45 4.46 -11.88
CA GLY A 77 -27.69 3.21 -11.75
C GLY A 77 -28.56 1.96 -11.63
N ASN A 78 -29.83 2.06 -11.99
CA ASN A 78 -30.76 0.94 -12.01
C ASN A 78 -30.46 0.00 -13.18
N LYS A 79 -30.77 -1.29 -13.01
CA LYS A 79 -30.62 -2.32 -14.04
C LYS A 79 -31.88 -3.17 -14.11
N LYS A 80 -32.32 -3.50 -15.31
CA LYS A 80 -33.37 -4.50 -15.56
C LYS A 80 -32.85 -5.43 -16.66
N ILE A 81 -32.86 -6.72 -16.40
CA ILE A 81 -32.27 -7.74 -17.27
C ILE A 81 -33.30 -8.82 -17.46
N GLU A 82 -33.61 -9.15 -18.70
CA GLU A 82 -34.50 -10.25 -19.03
C GLU A 82 -33.92 -11.12 -20.13
N THR A 83 -33.90 -12.41 -19.87
CA THR A 83 -33.71 -13.44 -20.90
C THR A 83 -35.06 -14.02 -21.20
N HIS A 84 -35.50 -13.97 -22.45
CA HIS A 84 -36.65 -14.74 -22.95
C HIS A 84 -36.12 -15.80 -23.90
N LYS A 85 -36.34 -17.08 -23.60
CA LYS A 85 -35.78 -18.20 -24.37
C LYS A 85 -36.82 -19.27 -24.62
N LEU A 86 -36.92 -19.68 -25.87
CA LEU A 86 -37.81 -20.75 -26.33
C LEU A 86 -37.00 -21.72 -27.19
N THR A 87 -37.01 -23.00 -26.87
CA THR A 87 -36.24 -24.04 -27.56
C THR A 87 -37.15 -25.20 -27.88
N PHE A 88 -37.20 -25.61 -29.14
CA PHE A 88 -38.13 -26.62 -29.65
C PHE A 88 -37.37 -27.66 -30.48
N ARG A 89 -37.52 -28.96 -30.18
CA ARG A 89 -36.66 -30.01 -30.75
C ARG A 89 -37.43 -31.28 -31.12
N GLY B 14 -53.66 -39.22 -26.09
CA GLY B 14 -54.48 -38.33 -25.24
C GLY B 14 -54.01 -36.89 -25.33
N SER B 15 -54.94 -35.93 -25.30
CA SER B 15 -54.65 -34.49 -25.29
C SER B 15 -53.94 -34.04 -24.01
N VAL B 16 -52.82 -33.33 -24.14
CA VAL B 16 -52.07 -32.73 -23.02
C VAL B 16 -52.22 -31.22 -23.08
N GLN B 17 -52.69 -30.60 -22.00
CA GLN B 17 -52.82 -29.15 -21.88
C GLN B 17 -52.01 -28.63 -20.67
N ILE B 18 -51.15 -27.64 -20.87
CA ILE B 18 -50.47 -26.93 -19.78
C ILE B 18 -50.80 -25.44 -19.86
N VAL B 19 -51.04 -24.81 -18.71
CA VAL B 19 -51.19 -23.36 -18.56
C VAL B 19 -50.25 -22.89 -17.46
N TYR B 20 -49.41 -21.89 -17.75
CA TYR B 20 -48.50 -21.29 -16.80
C TYR B 20 -48.76 -19.79 -16.82
N LYS B 21 -49.17 -19.22 -15.70
CA LYS B 21 -49.77 -17.87 -15.65
C LYS B 21 -49.63 -17.21 -14.26
N PRO B 22 -48.44 -17.24 -13.62
CA PRO B 22 -48.26 -16.54 -12.35
C PRO B 22 -48.54 -15.05 -12.51
N VAL B 23 -49.20 -14.44 -11.53
CA VAL B 23 -49.50 -13.01 -11.48
C VAL B 23 -48.71 -12.37 -10.34
N ASP B 24 -48.02 -11.27 -10.62
CA ASP B 24 -47.13 -10.62 -9.66
C ASP B 24 -47.36 -9.10 -9.64
N LEU B 25 -48.02 -8.63 -8.58
CA LEU B 25 -48.19 -7.22 -8.23
C LEU B 25 -47.32 -6.82 -7.01
N SER B 26 -46.29 -7.60 -6.69
CA SER B 26 -45.41 -7.35 -5.53
C SER B 26 -44.55 -6.11 -5.70
N LYS B 27 -44.09 -5.52 -4.59
CA LYS B 27 -43.15 -4.40 -4.62
C LYS B 27 -42.02 -4.58 -3.61
N VAL B 28 -40.80 -4.28 -4.03
CA VAL B 28 -39.62 -4.18 -3.14
C VAL B 28 -39.30 -2.70 -3.06
N THR B 29 -39.18 -2.12 -1.89
CA THR B 29 -39.26 -0.67 -1.73
C THR B 29 -38.41 -0.20 -0.56
N SER B 30 -37.95 1.05 -0.61
CA SER B 30 -37.16 1.67 0.45
C SER B 30 -37.44 3.14 0.55
N LYS B 31 -37.31 3.68 1.76
CA LYS B 31 -37.18 5.11 2.03
C LYS B 31 -35.99 5.29 2.98
N CYS B 32 -35.23 6.36 2.80
CA CYS B 32 -34.06 6.64 3.61
C CYS B 32 -33.94 8.15 3.80
N GLY B 33 -33.38 8.58 4.93
CA GLY B 33 -32.92 9.96 5.14
C GLY B 33 -31.60 10.23 4.42
N SER B 34 -30.82 11.17 4.93
CA SER B 34 -29.45 11.38 4.46
C SER B 34 -28.62 10.10 4.63
N LEU B 35 -28.05 9.57 3.56
CA LEU B 35 -27.21 8.38 3.60
C LEU B 35 -25.77 8.81 3.35
N GLY B 36 -24.89 8.61 4.33
CA GLY B 36 -23.58 9.25 4.27
C GLY B 36 -22.77 9.21 5.55
N ASN B 37 -21.69 9.99 5.58
CA ASN B 37 -20.66 9.93 6.61
C ASN B 37 -20.10 8.51 6.75
N ILE B 38 -19.70 7.93 5.63
CA ILE B 38 -19.20 6.55 5.52
C ILE B 38 -17.72 6.59 5.15
N HIS B 39 -16.88 5.92 5.92
CA HIS B 39 -15.45 5.89 5.73
C HIS B 39 -14.98 4.45 5.61
N HIS B 40 -14.20 4.11 4.59
CA HIS B 40 -13.60 2.80 4.41
C HIS B 40 -12.09 2.93 4.17
N LYS B 41 -11.26 2.48 5.12
CA LYS B 41 -9.83 2.81 5.20
C LYS B 41 -8.99 1.53 5.45
N PRO B 42 -8.78 0.67 4.44
CA PRO B 42 -8.04 -0.57 4.61
C PRO B 42 -6.53 -0.37 4.79
N GLY B 43 -5.94 -1.02 5.80
CA GLY B 43 -4.52 -0.92 6.13
C GLY B 43 -3.58 -1.81 5.31
N GLY B 44 -3.70 -1.81 3.99
CA GLY B 44 -2.86 -2.61 3.11
C GLY B 44 -3.16 -4.11 3.20
N GLY B 45 -2.11 -4.94 3.15
CA GLY B 45 -2.19 -6.40 3.24
C GLY B 45 -1.18 -7.09 2.34
N GLN B 46 -1.02 -8.41 2.47
CA GLN B 46 -0.10 -9.17 1.63
C GLN B 46 -0.64 -10.56 1.26
N VAL B 47 -0.48 -10.96 0.00
CA VAL B 47 -0.97 -12.23 -0.54
C VAL B 47 0.08 -12.92 -1.40
N GLU B 48 0.26 -14.22 -1.24
CA GLU B 48 1.11 -15.06 -2.08
C GLU B 48 0.38 -16.36 -2.44
N VAL B 49 0.49 -16.80 -3.69
CA VAL B 49 0.00 -18.11 -4.15
C VAL B 49 1.08 -18.80 -4.97
N LYS B 50 1.28 -20.10 -4.75
CA LYS B 50 2.14 -20.98 -5.55
C LYS B 50 1.30 -22.12 -6.11
N SER B 51 1.56 -22.50 -7.35
CA SER B 51 0.91 -23.60 -8.07
C SER B 51 1.89 -24.21 -9.06
N GLU B 52 1.72 -25.47 -9.45
CA GLU B 52 2.45 -26.01 -10.60
C GLU B 52 1.59 -25.84 -11.86
N LYS B 53 0.35 -26.32 -11.83
CA LYS B 53 -0.59 -26.32 -12.95
C LYS B 53 -1.96 -25.82 -12.51
N LEU B 54 -2.62 -25.05 -13.37
CA LEU B 54 -4.06 -24.80 -13.32
C LEU B 54 -4.72 -25.27 -14.61
N ASP B 55 -5.86 -25.93 -14.48
CA ASP B 55 -6.46 -26.75 -15.52
C ASP B 55 -7.98 -26.71 -15.41
N PHE B 56 -8.61 -25.74 -16.08
CA PHE B 56 -10.01 -25.38 -15.88
C PHE B 56 -10.84 -25.75 -17.12
N LYS B 57 -11.85 -26.61 -16.96
CA LYS B 57 -12.72 -27.15 -18.03
C LYS B 57 -14.19 -26.93 -17.65
N ASP B 58 -15.09 -26.78 -18.62
CA ASP B 58 -16.51 -26.42 -18.42
C ASP B 58 -16.70 -25.12 -17.63
N ARG B 59 -17.90 -24.83 -17.10
CA ARG B 59 -18.21 -23.58 -16.38
C ARG B 59 -17.39 -23.43 -15.10
N VAL B 60 -16.47 -22.46 -15.06
CA VAL B 60 -15.63 -22.14 -13.89
C VAL B 60 -15.61 -20.64 -13.61
N GLN B 61 -15.78 -20.24 -12.35
CA GLN B 61 -15.45 -18.91 -11.83
C GLN B 61 -14.28 -19.02 -10.84
N SER B 62 -13.22 -18.26 -11.03
CA SER B 62 -12.01 -18.37 -10.21
C SER B 62 -11.35 -17.02 -9.89
N LYS B 63 -10.95 -16.81 -8.64
CA LYS B 63 -10.10 -15.70 -8.20
C LYS B 63 -8.88 -16.29 -7.50
N ILE B 64 -7.69 -15.94 -7.95
CA ILE B 64 -6.42 -16.40 -7.36
C ILE B 64 -5.57 -15.21 -6.98
N GLY B 65 -5.19 -15.08 -5.71
CA GLY B 65 -4.31 -14.02 -5.28
C GLY B 65 -4.95 -12.64 -5.33
N SER B 66 -6.25 -12.49 -5.13
CA SER B 66 -6.88 -11.16 -5.07
C SER B 66 -6.59 -10.43 -3.75
N LEU B 67 -6.55 -9.10 -3.78
CA LEU B 67 -6.44 -8.20 -2.63
C LEU B 67 -7.32 -6.96 -2.89
N ASP B 68 -8.61 -7.21 -3.07
CA ASP B 68 -9.56 -6.26 -3.65
C ASP B 68 -10.45 -5.62 -2.58
N ASN B 69 -10.57 -4.29 -2.59
CA ASN B 69 -11.35 -3.47 -1.64
C ASN B 69 -12.59 -2.86 -2.28
N ILE B 70 -13.77 -2.99 -1.69
CA ILE B 70 -15.03 -2.47 -2.26
C ILE B 70 -15.74 -1.56 -1.25
N THR B 71 -16.20 -0.38 -1.69
CA THR B 71 -17.15 0.46 -0.96
C THR B 71 -18.39 0.58 -1.84
N HIS B 72 -19.53 0.14 -1.36
CA HIS B 72 -20.76 0.07 -2.15
C HIS B 72 -21.93 0.66 -1.36
N VAL B 73 -22.44 1.81 -1.79
CA VAL B 73 -23.38 2.63 -1.02
C VAL B 73 -24.54 3.06 -1.91
N PRO B 74 -25.43 2.14 -2.32
CA PRO B 74 -26.56 2.48 -3.16
C PRO B 74 -27.65 3.23 -2.37
N GLY B 75 -28.26 4.25 -2.96
CA GLY B 75 -29.38 4.99 -2.36
C GLY B 75 -30.66 4.15 -2.24
N GLY B 76 -30.75 3.07 -3.00
CA GLY B 76 -31.82 2.09 -2.96
C GLY B 76 -31.28 0.70 -2.67
N GLY B 77 -30.59 0.12 -3.63
CA GLY B 77 -29.91 -1.17 -3.49
C GLY B 77 -30.83 -2.39 -3.42
N ASN B 78 -32.08 -2.25 -3.83
CA ASN B 78 -33.04 -3.36 -3.89
C ASN B 78 -32.73 -4.32 -5.04
N LYS B 79 -33.06 -5.59 -4.86
CA LYS B 79 -32.87 -6.66 -5.85
C LYS B 79 -34.13 -7.49 -5.92
N LYS B 80 -34.58 -7.85 -7.10
CA LYS B 80 -35.63 -8.87 -7.31
C LYS B 80 -35.20 -9.82 -8.41
N ILE B 81 -35.16 -11.11 -8.16
CA ILE B 81 -34.56 -12.10 -9.07
C ILE B 81 -35.55 -13.24 -9.27
N GLU B 82 -35.88 -13.55 -10.51
CA GLU B 82 -36.85 -14.61 -10.83
C GLU B 82 -36.36 -15.54 -11.94
N THR B 83 -36.50 -16.85 -11.72
CA THR B 83 -36.46 -17.83 -12.79
C THR B 83 -37.87 -18.35 -13.02
N HIS B 84 -38.35 -18.25 -14.25
CA HIS B 84 -39.55 -18.90 -14.75
C HIS B 84 -39.07 -19.96 -15.75
N LYS B 85 -39.35 -21.23 -15.48
CA LYS B 85 -38.92 -22.35 -16.29
C LYS B 85 -40.10 -23.26 -16.54
N LEU B 86 -40.31 -23.68 -17.78
CA LEU B 86 -41.21 -24.76 -18.14
C LEU B 86 -40.47 -25.73 -19.08
N THR B 87 -40.49 -27.02 -18.77
CA THR B 87 -39.71 -28.05 -19.48
C THR B 87 -40.60 -29.23 -19.85
N PHE B 88 -40.53 -29.64 -21.13
CA PHE B 88 -41.45 -30.56 -21.81
C PHE B 88 -40.70 -31.63 -22.64
N ARG B 89 -41.22 -32.86 -22.70
CA ARG B 89 -40.51 -34.11 -22.94
C ARG B 89 -41.13 -34.90 -24.09
N GLY C 14 48.59 27.45 43.86
CA GLY C 14 49.22 26.13 43.69
C GLY C 14 49.16 25.67 42.23
N SER C 15 50.22 25.02 41.75
CA SER C 15 50.32 24.49 40.38
C SER C 15 49.30 23.39 40.10
N VAL C 16 48.52 23.51 39.01
CA VAL C 16 47.60 22.47 38.54
C VAL C 16 48.09 21.90 37.21
N GLN C 17 48.32 20.59 37.16
CA GLN C 17 48.78 19.87 35.97
C GLN C 17 47.78 18.76 35.59
N ILE C 18 47.36 18.73 34.33
CA ILE C 18 46.58 17.62 33.75
C ILE C 18 47.33 17.04 32.56
N VAL C 19 47.33 15.72 32.44
CA VAL C 19 47.77 14.99 31.24
C VAL C 19 46.67 14.01 30.82
N TYR C 20 46.25 14.07 29.57
CA TYR C 20 45.24 13.20 28.99
C TYR C 20 45.86 12.58 27.75
N LYS C 21 45.99 11.26 27.72
CA LYS C 21 46.82 10.56 26.73
C LYS C 21 46.35 9.11 26.49
N PRO C 22 45.04 8.84 26.34
CA PRO C 22 44.57 7.49 26.06
C PRO C 22 45.17 6.96 24.77
N VAL C 23 45.53 5.68 24.76
CA VAL C 23 46.14 4.99 23.61
C VAL C 23 45.16 3.93 23.10
N ASP C 24 44.92 3.88 21.79
CA ASP C 24 43.97 2.98 21.19
C ASP C 24 44.54 2.30 19.94
N LEU C 25 44.91 1.02 20.09
CA LEU C 25 45.35 0.11 19.01
C LEU C 25 44.25 -0.92 18.67
N SER C 26 43.00 -0.68 19.09
CA SER C 26 41.89 -1.63 18.89
C SER C 26 41.48 -1.77 17.43
N LYS C 27 40.85 -2.90 17.10
CA LYS C 27 40.26 -3.11 15.78
C LYS C 27 38.85 -3.68 15.85
N VAL C 28 37.97 -3.16 15.02
CA VAL C 28 36.62 -3.69 14.77
C VAL C 28 36.66 -4.27 13.36
N THR C 29 36.28 -5.52 13.15
CA THR C 29 36.66 -6.26 11.94
C THR C 29 35.60 -7.28 11.58
N SER C 30 35.51 -7.62 10.29
CA SER C 30 34.57 -8.62 9.80
C SER C 30 35.12 -9.35 8.59
N LYS C 31 34.68 -10.60 8.44
CA LYS C 31 34.81 -11.40 7.22
C LYS C 31 33.45 -12.01 6.93
N CYS C 32 33.10 -12.08 5.66
CA CYS C 32 31.84 -12.64 5.22
C CYS C 32 32.04 -13.36 3.88
N GLY C 33 31.24 -14.40 3.64
CA GLY C 33 31.11 -15.02 2.32
C GLY C 33 30.24 -14.19 1.38
N SER C 34 29.58 -14.82 0.42
CA SER C 34 28.54 -14.17 -0.36
C SER C 34 27.44 -13.62 0.55
N LEU C 35 27.16 -12.32 0.50
CA LEU C 35 26.10 -11.69 1.27
C LEU C 35 24.98 -11.31 0.30
N GLY C 36 23.80 -11.90 0.46
CA GLY C 36 22.79 -11.80 -0.57
C GLY C 36 21.60 -12.74 -0.43
N ASN C 37 20.80 -12.81 -1.49
CA ASN C 37 19.49 -13.46 -1.52
C ASN C 37 18.56 -12.88 -0.43
N ILE C 38 18.48 -11.56 -0.37
CA ILE C 38 17.73 -10.80 0.64
C ILE C 38 16.53 -10.16 -0.02
N HIS C 39 15.34 -10.39 0.52
CA HIS C 39 14.09 -9.86 -0.02
C HIS C 39 13.35 -9.08 1.06
N HIS C 40 12.94 -7.87 0.77
CA HIS C 40 12.12 -7.06 1.67
C HIS C 40 10.88 -6.56 0.93
N LYS C 41 9.69 -7.03 1.31
CA LYS C 41 8.45 -6.89 0.53
C LYS C 41 7.30 -6.41 1.44
N PRO C 42 7.26 -5.13 1.83
CA PRO C 42 6.22 -4.60 2.72
C PRO C 42 4.84 -4.48 2.06
N GLY C 43 3.80 -4.98 2.72
CA GLY C 43 2.42 -4.98 2.20
C GLY C 43 1.64 -3.69 2.41
N GLY C 44 2.22 -2.54 2.11
CA GLY C 44 1.56 -1.24 2.30
C GLY C 44 1.38 -0.88 3.78
N GLY C 45 0.25 -0.24 4.08
CA GLY C 45 -0.10 0.23 5.43
C GLY C 45 -0.86 1.55 5.39
N GLN C 46 -1.40 1.97 6.53
CA GLN C 46 -2.13 3.25 6.63
C GLN C 46 -1.85 3.97 7.95
N VAL C 47 -1.65 5.28 7.89
CA VAL C 47 -1.31 6.13 9.04
C VAL C 47 -2.11 7.43 9.01
N GLU C 48 -2.62 7.86 10.16
CA GLU C 48 -3.26 9.16 10.34
C GLU C 48 -2.79 9.82 11.63
N VAL C 49 -2.55 11.13 11.62
CA VAL C 49 -2.31 11.92 12.83
C VAL C 49 -3.15 13.19 12.82
N LYS C 50 -3.76 13.54 13.95
CA LYS C 50 -4.51 14.78 14.16
C LYS C 50 -3.87 15.56 15.31
N SER C 51 -3.77 16.87 15.17
CA SER C 51 -3.20 17.81 16.14
C SER C 51 -3.89 19.16 16.01
N GLU C 52 -3.89 19.95 17.08
CA GLU C 52 -4.29 21.36 16.98
C GLU C 52 -3.05 22.24 16.74
N LYS C 53 -2.05 22.10 17.60
CA LYS C 53 -0.80 22.87 17.58
C LYS C 53 0.38 21.95 17.75
N LEU C 54 1.47 22.22 17.04
CA LEU C 54 2.80 21.73 17.33
C LEU C 54 3.75 22.89 17.59
N ASP C 55 4.55 22.79 18.64
CA ASP C 55 5.22 23.92 19.28
C ASP C 55 6.58 23.47 19.82
N PHE C 56 7.60 23.49 18.98
CA PHE C 56 8.88 22.81 19.22
C PHE C 56 9.98 23.83 19.45
N LYS C 57 10.60 23.82 20.64
CA LYS C 57 11.60 24.80 21.11
C LYS C 57 12.86 24.05 21.60
N ASP C 58 14.02 24.69 21.48
CA ASP C 58 15.35 24.07 21.71
C ASP C 58 15.56 22.79 20.87
N ARG C 59 16.52 21.93 21.22
CA ARG C 59 16.86 20.73 20.44
C ARG C 59 15.72 19.71 20.39
N VAL C 60 15.10 19.52 19.23
CA VAL C 60 14.02 18.55 18.98
C VAL C 60 14.28 17.75 17.73
N GLN C 61 14.14 16.42 17.80
CA GLN C 61 14.02 15.53 16.64
C GLN C 61 12.60 14.94 16.62
N SER C 62 11.88 15.06 15.51
CA SER C 62 10.48 14.65 15.43
C SER C 62 10.11 14.00 14.09
N LYS C 63 9.37 12.90 14.15
CA LYS C 63 8.72 12.27 13.01
C LYS C 63 7.22 12.16 13.31
N ILE C 64 6.37 12.69 12.45
CA ILE C 64 4.91 12.61 12.59
C ILE C 64 4.31 11.99 11.35
N GLY C 65 3.58 10.89 11.49
CA GLY C 65 2.89 10.29 10.35
C GLY C 65 3.83 9.67 9.33
N SER C 66 4.98 9.13 9.72
CA SER C 66 5.86 8.43 8.78
C SER C 66 5.33 7.04 8.40
N LEU C 67 5.66 6.55 7.21
CA LEU C 67 5.38 5.19 6.73
C LEU C 67 6.57 4.69 5.89
N ASP C 68 7.74 4.66 6.50
CA ASP C 68 9.03 4.59 5.81
C ASP C 68 9.63 3.18 5.86
N ASN C 69 10.05 2.62 4.73
CA ASN C 69 10.61 1.27 4.58
C ASN C 69 12.11 1.30 4.29
N ILE C 70 12.93 0.57 5.03
CA ILE C 70 14.39 0.59 4.85
C ILE C 70 14.91 -0.83 4.59
N THR C 71 15.75 -1.00 3.57
CA THR C 71 16.59 -2.18 3.38
C THR C 71 18.04 -1.74 3.42
N HIS C 72 18.81 -2.25 4.37
CA HIS C 72 20.15 -1.78 4.66
C HIS C 72 21.10 -2.96 4.81
N VAL C 73 22.00 -3.15 3.86
CA VAL C 73 22.79 -4.38 3.67
C VAL C 73 24.26 -4.03 3.43
N PRO C 74 24.98 -3.52 4.43
CA PRO C 74 26.38 -3.19 4.28
C PRO C 74 27.28 -4.45 4.24
N GLY C 75 28.28 -4.46 3.36
CA GLY C 75 29.28 -5.53 3.31
C GLY C 75 30.20 -5.60 4.54
N GLY C 76 30.30 -4.50 5.29
CA GLY C 76 31.01 -4.39 6.55
C GLY C 76 30.09 -3.96 7.67
N GLY C 77 29.64 -2.71 7.64
CA GLY C 77 28.63 -2.20 8.56
C GLY C 77 29.12 -2.00 9.99
N ASN C 78 30.43 -2.02 10.21
CA ASN C 78 31.04 -1.78 11.51
C ASN C 78 30.98 -0.31 11.91
N LYS C 79 30.86 -0.04 13.20
CA LYS C 79 30.75 1.32 13.75
C LYS C 79 31.66 1.43 14.95
N LYS C 80 32.41 2.52 15.06
CA LYS C 80 33.20 2.85 16.24
C LYS C 80 33.01 4.31 16.59
N ILE C 81 32.57 4.61 17.81
CA ILE C 81 32.10 5.94 18.18
C ILE C 81 32.83 6.36 19.43
N GLU C 82 33.44 7.54 19.42
CA GLU C 82 34.44 7.93 20.42
C GLU C 82 34.09 9.34 20.92
N THR C 83 33.97 9.51 22.23
CA THR C 83 33.99 10.82 22.85
C THR C 83 35.25 10.96 23.68
N HIS C 84 36.04 11.98 23.41
CA HIS C 84 37.08 12.48 24.28
C HIS C 84 36.64 13.87 24.73
N LYS C 85 36.42 14.07 26.02
CA LYS C 85 35.93 15.33 26.59
C LYS C 85 36.79 15.68 27.79
N LEU C 86 37.30 16.91 27.86
CA LEU C 86 38.04 17.43 29.01
C LEU C 86 37.48 18.82 29.34
N THR C 87 37.10 19.06 30.60
CA THR C 87 36.44 20.32 31.01
C THR C 87 37.12 20.89 32.25
N PHE C 88 37.48 22.17 32.22
CA PHE C 88 38.31 22.84 33.23
C PHE C 88 37.72 24.19 33.67
N ARG C 89 37.71 24.48 34.97
CA ARG C 89 37.00 25.62 35.57
C ARG C 89 37.88 26.40 36.55
N GLY D 14 -51.72 -37.24 -30.88
CA GLY D 14 -52.50 -36.54 -29.84
C GLY D 14 -52.03 -35.13 -29.63
N SER D 15 -52.96 -34.20 -29.41
CA SER D 15 -52.69 -32.76 -29.25
C SER D 15 -51.86 -32.42 -28.00
N VAL D 16 -50.79 -31.65 -28.17
CA VAL D 16 -50.10 -30.98 -27.05
C VAL D 16 -50.34 -29.48 -27.15
N GLN D 17 -50.90 -28.87 -26.11
CA GLN D 17 -51.10 -27.43 -26.01
C GLN D 17 -50.33 -26.87 -24.81
N ILE D 18 -49.51 -25.84 -25.02
CA ILE D 18 -48.91 -25.06 -23.94
C ILE D 18 -49.34 -23.60 -24.06
N VAL D 19 -49.66 -22.98 -22.93
CA VAL D 19 -49.81 -21.53 -22.81
C VAL D 19 -48.91 -21.04 -21.69
N TYR D 20 -48.07 -20.06 -21.99
CA TYR D 20 -47.17 -19.43 -21.03
C TYR D 20 -47.43 -17.93 -21.08
N LYS D 21 -47.87 -17.36 -19.96
CA LYS D 21 -48.43 -16.00 -19.92
C LYS D 21 -48.26 -15.36 -18.54
N PRO D 22 -47.07 -15.42 -17.91
CA PRO D 22 -46.83 -14.76 -16.63
C PRO D 22 -47.12 -13.26 -16.74
N VAL D 23 -47.73 -12.68 -15.71
CA VAL D 23 -48.07 -11.26 -15.66
C VAL D 23 -47.29 -10.57 -14.54
N ASP D 24 -46.63 -9.46 -14.86
CA ASP D 24 -45.73 -8.78 -13.96
C ASP D 24 -46.00 -7.27 -13.95
N LEU D 25 -46.66 -6.80 -12.89
CA LEU D 25 -46.89 -5.39 -12.57
C LEU D 25 -45.98 -4.98 -11.39
N SER D 26 -44.96 -5.76 -11.08
CA SER D 26 -44.14 -5.53 -9.88
C SER D 26 -43.31 -4.27 -9.98
N LYS D 27 -42.93 -3.68 -8.85
CA LYS D 27 -42.04 -2.52 -8.87
C LYS D 27 -40.92 -2.60 -7.85
N VAL D 28 -39.71 -2.23 -8.26
CA VAL D 28 -38.56 -2.12 -7.38
C VAL D 28 -38.27 -0.63 -7.27
N THR D 29 -38.19 -0.06 -6.07
CA THR D 29 -38.33 1.41 -5.94
C THR D 29 -37.55 1.92 -4.74
N SER D 30 -37.10 3.18 -4.78
CA SER D 30 -36.38 3.80 -3.67
C SER D 30 -36.58 5.29 -3.59
N LYS D 31 -36.53 5.82 -2.38
CA LYS D 31 -36.32 7.24 -2.09
C LYS D 31 -35.15 7.37 -1.12
N CYS D 32 -34.36 8.42 -1.29
CA CYS D 32 -33.20 8.71 -0.48
C CYS D 32 -33.08 10.22 -0.29
N GLY D 33 -32.52 10.65 0.83
CA GLY D 33 -32.10 12.04 1.04
C GLY D 33 -30.81 12.34 0.29
N SER D 34 -30.02 13.30 0.79
CA SER D 34 -28.66 13.51 0.34
C SER D 34 -27.84 12.22 0.45
N LEU D 35 -27.19 11.79 -0.63
CA LEU D 35 -26.30 10.65 -0.65
C LEU D 35 -24.86 11.15 -0.84
N GLY D 36 -23.98 10.95 0.13
CA GLY D 36 -22.67 11.58 0.07
C GLY D 36 -21.86 11.55 1.36
N ASN D 37 -20.78 12.34 1.42
CA ASN D 37 -19.79 12.28 2.49
C ASN D 37 -19.26 10.85 2.67
N ILE D 38 -18.84 10.25 1.55
CA ILE D 38 -18.35 8.88 1.46
C ILE D 38 -16.86 8.90 1.09
N HIS D 39 -16.02 8.27 1.88
CA HIS D 39 -14.56 8.27 1.70
C HIS D 39 -14.04 6.85 1.60
N HIS D 40 -13.29 6.51 0.55
CA HIS D 40 -12.65 5.20 0.39
C HIS D 40 -11.15 5.38 0.15
N LYS D 41 -10.30 4.95 1.10
CA LYS D 41 -8.89 5.32 1.16
C LYS D 41 -8.01 4.10 1.47
N PRO D 42 -7.75 3.19 0.50
CA PRO D 42 -6.90 2.01 0.76
C PRO D 42 -5.41 2.28 0.85
N GLY D 43 -4.77 1.74 1.88
CA GLY D 43 -3.34 1.84 2.16
C GLY D 43 -2.45 0.88 1.38
N GLY D 44 -2.63 0.80 0.07
CA GLY D 44 -1.81 -0.05 -0.78
C GLY D 44 -2.08 -1.54 -0.60
N GLY D 45 -1.03 -2.36 -0.65
CA GLY D 45 -1.07 -3.82 -0.53
C GLY D 45 -0.07 -4.49 -1.45
N GLN D 46 0.15 -5.80 -1.30
CA GLN D 46 1.10 -6.55 -2.12
C GLN D 46 0.60 -7.95 -2.51
N VAL D 47 0.83 -8.36 -3.75
CA VAL D 47 0.35 -9.63 -4.31
C VAL D 47 1.43 -10.33 -5.13
N GLU D 48 1.56 -11.64 -4.97
CA GLU D 48 2.38 -12.50 -5.83
C GLU D 48 1.63 -13.78 -6.22
N VAL D 49 1.73 -14.20 -7.48
CA VAL D 49 1.26 -15.53 -7.92
C VAL D 49 2.33 -16.22 -8.76
N LYS D 50 2.56 -17.51 -8.52
CA LYS D 50 3.46 -18.35 -9.33
C LYS D 50 2.70 -19.55 -9.90
N SER D 51 2.99 -19.91 -11.14
CA SER D 51 2.44 -21.07 -11.87
C SER D 51 3.45 -21.54 -12.91
N GLU D 52 3.41 -22.79 -13.35
CA GLU D 52 4.14 -23.18 -14.58
C GLU D 52 3.18 -23.11 -15.78
N LYS D 53 2.00 -23.71 -15.67
CA LYS D 53 1.03 -23.81 -16.78
C LYS D 53 -0.35 -23.35 -16.36
N LEU D 54 -1.05 -22.64 -17.25
CA LEU D 54 -2.48 -22.40 -17.20
C LEU D 54 -3.16 -22.97 -18.44
N ASP D 55 -4.30 -23.63 -18.27
CA ASP D 55 -4.97 -24.43 -19.30
C ASP D 55 -6.49 -24.32 -19.17
N PHE D 56 -7.09 -23.29 -19.79
CA PHE D 56 -8.48 -22.89 -19.57
C PHE D 56 -9.32 -23.17 -20.82
N LYS D 57 -10.37 -23.99 -20.69
CA LYS D 57 -11.26 -24.48 -21.77
C LYS D 57 -12.72 -24.20 -21.40
N ASP D 58 -13.58 -24.04 -22.41
CA ASP D 58 -15.00 -23.71 -22.28
C ASP D 58 -15.24 -22.37 -21.54
N ARG D 59 -16.45 -22.14 -21.01
CA ARG D 59 -16.80 -20.91 -20.28
C ARG D 59 -16.01 -20.77 -18.97
N VAL D 60 -15.06 -19.85 -18.90
CA VAL D 60 -14.24 -19.61 -17.70
C VAL D 60 -14.20 -18.12 -17.40
N GLN D 61 -14.42 -17.73 -16.16
CA GLN D 61 -14.09 -16.40 -15.65
C GLN D 61 -12.91 -16.51 -14.68
N SER D 62 -11.84 -15.77 -14.89
CA SER D 62 -10.64 -15.86 -14.04
C SER D 62 -10.01 -14.51 -13.74
N LYS D 63 -9.63 -14.27 -12.48
CA LYS D 63 -8.74 -13.19 -12.07
C LYS D 63 -7.52 -13.79 -11.40
N ILE D 64 -6.32 -13.44 -11.83
CA ILE D 64 -5.07 -13.87 -11.19
C ILE D 64 -4.26 -12.65 -10.79
N GLY D 65 -3.92 -12.53 -9.52
CA GLY D 65 -3.07 -11.47 -9.01
C GLY D 65 -3.70 -10.09 -9.00
N SER D 66 -5.01 -9.94 -8.78
CA SER D 66 -5.63 -8.62 -8.73
C SER D 66 -5.36 -7.85 -7.45
N LEU D 67 -5.38 -6.51 -7.53
CA LEU D 67 -5.19 -5.59 -6.42
C LEU D 67 -6.13 -4.39 -6.60
N ASP D 68 -7.44 -4.68 -6.67
CA ASP D 68 -8.43 -3.78 -7.27
C ASP D 68 -9.30 -3.06 -6.24
N ASN D 69 -9.46 -1.73 -6.35
CA ASN D 69 -10.27 -0.90 -5.47
C ASN D 69 -11.52 -0.37 -6.18
N ILE D 70 -12.71 -0.52 -5.61
CA ILE D 70 -13.96 -0.06 -6.22
C ILE D 70 -14.72 0.84 -5.24
N THR D 71 -15.18 1.99 -5.70
CA THR D 71 -16.16 2.83 -4.99
C THR D 71 -17.40 2.95 -5.87
N HIS D 72 -18.54 2.52 -5.39
CA HIS D 72 -19.76 2.41 -6.18
C HIS D 72 -20.93 3.01 -5.39
N VAL D 73 -21.47 4.15 -5.84
CA VAL D 73 -22.42 4.95 -5.06
C VAL D 73 -23.58 5.38 -5.96
N PRO D 74 -24.43 4.45 -6.43
CA PRO D 74 -25.54 4.79 -7.30
C PRO D 74 -26.68 5.46 -6.52
N GLY D 75 -27.30 6.49 -7.09
CA GLY D 75 -28.45 7.15 -6.47
C GLY D 75 -29.71 6.28 -6.34
N GLY D 76 -29.78 5.20 -7.10
CA GLY D 76 -30.79 4.14 -7.01
C GLY D 76 -30.14 2.80 -6.77
N GLY D 77 -29.48 2.26 -7.80
CA GLY D 77 -28.78 0.98 -7.69
C GLY D 77 -29.70 -0.23 -7.57
N ASN D 78 -30.97 -0.08 -7.92
CA ASN D 78 -31.94 -1.17 -7.90
C ASN D 78 -31.71 -2.12 -9.08
N LYS D 79 -32.00 -3.40 -8.90
CA LYS D 79 -31.80 -4.44 -9.91
C LYS D 79 -33.02 -5.32 -10.00
N LYS D 80 -33.46 -5.65 -11.21
CA LYS D 80 -34.48 -6.67 -11.44
C LYS D 80 -34.00 -7.61 -12.54
N ILE D 81 -33.97 -8.91 -12.27
CA ILE D 81 -33.35 -9.89 -13.18
C ILE D 81 -34.34 -11.01 -13.38
N GLU D 82 -34.68 -11.34 -14.62
CA GLU D 82 -35.60 -12.42 -14.93
C GLU D 82 -35.09 -13.35 -16.02
N THR D 83 -35.20 -14.64 -15.79
CA THR D 83 -35.10 -15.64 -16.84
C THR D 83 -36.49 -16.17 -17.11
N HIS D 84 -36.95 -16.12 -18.35
CA HIS D 84 -38.12 -16.85 -18.85
C HIS D 84 -37.60 -17.90 -19.83
N LYS D 85 -37.82 -19.18 -19.52
CA LYS D 85 -37.37 -20.31 -20.33
C LYS D 85 -38.52 -21.26 -20.58
N LEU D 86 -38.71 -21.65 -21.83
CA LEU D 86 -39.57 -22.76 -22.23
C LEU D 86 -38.77 -23.70 -23.14
N THR D 87 -38.71 -24.98 -22.80
CA THR D 87 -37.94 -25.99 -23.53
C THR D 87 -38.85 -27.17 -23.85
N PHE D 88 -38.92 -27.54 -25.13
CA PHE D 88 -39.87 -28.49 -25.70
C PHE D 88 -39.17 -29.52 -26.59
N ARG D 89 -39.50 -30.81 -26.46
CA ARG D 89 -38.72 -31.90 -27.06
C ARG D 89 -39.61 -32.99 -27.68
N GLY E 14 48.90 31.32 39.97
CA GLY E 14 49.37 29.92 39.96
C GLY E 14 49.30 29.32 38.58
N SER E 15 50.31 28.51 38.22
CA SER E 15 50.42 27.84 36.91
C SER E 15 49.33 26.81 36.67
N VAL E 16 48.65 26.90 35.52
CA VAL E 16 47.80 25.81 35.01
C VAL E 16 48.42 25.23 33.76
N GLN E 17 48.66 23.92 33.73
CA GLN E 17 49.13 23.18 32.56
C GLN E 17 48.14 22.09 32.17
N ILE E 18 47.73 22.03 30.91
CA ILE E 18 47.02 20.89 30.32
C ILE E 18 47.81 20.33 29.16
N VAL E 19 47.89 19.01 29.06
CA VAL E 19 48.35 18.29 27.87
C VAL E 19 47.25 17.32 27.44
N TYR E 20 46.82 17.41 26.19
CA TYR E 20 45.83 16.54 25.60
C TYR E 20 46.46 15.95 24.35
N LYS E 21 46.62 14.64 24.33
CA LYS E 21 47.47 13.95 23.34
C LYS E 21 47.02 12.49 23.13
N PRO E 22 45.72 12.21 22.95
CA PRO E 22 45.24 10.86 22.68
C PRO E 22 45.91 10.31 21.44
N VAL E 23 46.28 9.03 21.45
CA VAL E 23 46.92 8.34 20.34
C VAL E 23 45.99 7.25 19.80
N ASP E 24 45.77 7.24 18.51
CA ASP E 24 44.80 6.36 17.87
C ASP E 24 45.38 5.71 16.60
N LEU E 25 45.72 4.44 16.72
CA LEU E 25 46.16 3.55 15.65
C LEU E 25 45.06 2.54 15.30
N SER E 26 43.81 2.81 15.70
CA SER E 26 42.71 1.86 15.57
C SER E 26 42.31 1.62 14.12
N LYS E 27 41.67 0.48 13.83
CA LYS E 27 41.13 0.25 12.49
C LYS E 27 39.74 -0.35 12.49
N VAL E 28 38.89 0.14 11.60
CA VAL E 28 37.57 -0.44 11.32
C VAL E 28 37.67 -1.04 9.93
N THR E 29 37.36 -2.31 9.74
CA THR E 29 37.79 -3.04 8.53
C THR E 29 36.77 -4.11 8.15
N SER E 30 36.68 -4.47 6.88
CA SER E 30 35.80 -5.54 6.43
C SER E 30 36.32 -6.24 5.17
N LYS E 31 36.00 -7.52 5.04
CA LYS E 31 36.10 -8.28 3.79
C LYS E 31 34.74 -8.93 3.55
N CYS E 32 34.31 -9.01 2.30
CA CYS E 32 33.04 -9.58 1.91
C CYS E 32 33.19 -10.29 0.56
N GLY E 33 32.39 -11.34 0.31
CA GLY E 33 32.29 -11.97 -1.00
C GLY E 33 31.46 -11.15 -1.97
N SER E 34 30.82 -11.81 -2.93
CA SER E 34 29.80 -11.17 -3.77
C SER E 34 28.70 -10.58 -2.90
N LEU E 35 28.40 -9.29 -3.05
CA LEU E 35 27.32 -8.62 -2.32
C LEU E 35 26.20 -8.30 -3.32
N GLY E 36 25.02 -8.88 -3.15
CA GLY E 36 24.02 -8.78 -4.20
C GLY E 36 22.82 -9.71 -4.08
N ASN E 37 22.03 -9.82 -5.14
CA ASN E 37 20.74 -10.51 -5.13
C ASN E 37 19.84 -9.98 -4.01
N ILE E 38 19.68 -8.66 -3.97
CA ILE E 38 18.91 -7.91 -2.96
C ILE E 38 17.71 -7.26 -3.61
N HIS E 39 16.51 -7.51 -3.10
CA HIS E 39 15.26 -7.01 -3.66
C HIS E 39 14.49 -6.24 -2.60
N HIS E 40 14.10 -5.00 -2.89
CA HIS E 40 13.26 -4.19 -2.00
C HIS E 40 12.03 -3.72 -2.77
N LYS E 41 10.84 -4.19 -2.38
CA LYS E 41 9.63 -4.08 -3.20
C LYS E 41 8.42 -3.67 -2.34
N PRO E 42 8.28 -2.39 -1.93
CA PRO E 42 7.14 -1.95 -1.12
C PRO E 42 5.82 -1.81 -1.87
N GLY E 43 4.74 -2.35 -1.32
CA GLY E 43 3.39 -2.28 -1.84
C GLY E 43 2.65 -0.99 -1.50
N GLY E 44 3.25 0.17 -1.72
CA GLY E 44 2.60 1.46 -1.52
C GLY E 44 2.34 1.81 -0.06
N GLY E 45 1.20 2.43 0.23
CA GLY E 45 0.81 2.86 1.56
C GLY E 45 0.05 4.19 1.55
N GLN E 46 -0.54 4.60 2.67
CA GLN E 46 -1.28 5.85 2.76
C GLN E 46 -1.05 6.61 4.07
N VAL E 47 -0.92 7.92 3.99
CA VAL E 47 -0.57 8.81 5.10
C VAL E 47 -1.43 10.07 5.12
N GLU E 48 -1.90 10.48 6.29
CA GLU E 48 -2.56 11.76 6.50
C GLU E 48 -2.07 12.46 7.77
N VAL E 49 -1.85 13.77 7.74
CA VAL E 49 -1.61 14.57 8.95
C VAL E 49 -2.45 15.84 8.93
N LYS E 50 -3.05 16.20 10.08
CA LYS E 50 -3.77 17.47 10.28
C LYS E 50 -3.13 18.24 11.42
N SER E 51 -3.06 19.56 11.28
CA SER E 51 -2.64 20.53 12.29
C SER E 51 -3.36 21.86 12.02
N GLU E 52 -3.50 22.73 13.00
CA GLU E 52 -3.86 24.14 12.73
C GLU E 52 -2.56 24.94 12.63
N LYS E 53 -1.64 24.80 13.60
CA LYS E 53 -0.39 25.57 13.66
C LYS E 53 0.84 24.71 13.86
N LEU E 54 1.95 25.07 13.23
CA LEU E 54 3.31 24.63 13.57
C LEU E 54 4.16 25.84 13.96
N ASP E 55 4.97 25.71 15.00
CA ASP E 55 5.73 26.80 15.60
C ASP E 55 7.09 26.32 16.11
N PHE E 56 8.11 26.30 15.24
CA PHE E 56 9.39 25.64 15.47
C PHE E 56 10.51 26.67 15.64
N LYS E 57 11.18 26.69 16.80
CA LYS E 57 12.21 27.68 17.19
C LYS E 57 13.47 26.94 17.66
N ASP E 58 14.65 27.54 17.48
CA ASP E 58 15.96 26.90 17.76
C ASP E 58 16.13 25.59 16.98
N ARG E 59 17.09 24.72 17.36
CA ARG E 59 17.46 23.52 16.57
C ARG E 59 16.35 22.47 16.49
N VAL E 60 15.69 22.34 15.35
CA VAL E 60 14.61 21.36 15.16
C VAL E 60 14.85 20.56 13.88
N GLN E 61 14.74 19.24 13.97
CA GLN E 61 14.66 18.33 12.83
C GLN E 61 13.26 17.72 12.79
N SER E 62 12.56 17.83 11.67
CA SER E 62 11.16 17.41 11.57
C SER E 62 10.84 16.72 10.24
N LYS E 63 10.12 15.61 10.29
CA LYS E 63 9.42 15.01 9.14
C LYS E 63 7.94 14.95 9.47
N ILE E 64 7.08 15.49 8.61
CA ILE E 64 5.62 15.36 8.74
C ILE E 64 5.07 14.70 7.48
N GLY E 65 4.38 13.57 7.63
CA GLY E 65 3.70 12.91 6.53
C GLY E 65 4.63 12.23 5.53
N SER E 66 5.77 11.66 5.93
CA SER E 66 6.65 10.94 4.99
C SER E 66 6.13 9.55 4.60
N LEU E 67 6.51 9.09 3.40
CA LEU E 67 6.23 7.76 2.86
C LEU E 67 7.45 7.27 2.07
N ASP E 68 8.58 7.17 2.76
CA ASP E 68 9.89 7.13 2.13
C ASP E 68 10.52 5.74 2.12
N ASN E 69 11.01 5.27 0.98
CA ASN E 69 11.64 3.96 0.79
C ASN E 69 13.14 4.07 0.55
N ILE E 70 13.98 3.32 1.29
CA ILE E 70 15.43 3.38 1.14
C ILE E 70 15.99 1.99 0.88
N THR E 71 16.86 1.85 -0.13
CA THR E 71 17.71 0.67 -0.32
C THR E 71 19.15 1.13 -0.25
N HIS E 72 19.92 0.61 0.69
CA HIS E 72 21.26 1.08 1.01
C HIS E 72 22.21 -0.10 1.13
N VAL E 73 23.13 -0.26 0.18
CA VAL E 73 23.93 -1.48 0.02
C VAL E 73 25.40 -1.10 -0.21
N PRO E 74 26.09 -0.54 0.79
CA PRO E 74 27.49 -0.17 0.62
C PRO E 74 28.42 -1.39 0.67
N GLY E 75 29.45 -1.41 -0.16
CA GLY E 75 30.44 -2.50 -0.17
C GLY E 75 31.30 -2.58 1.10
N GLY E 76 31.37 -1.49 1.86
CA GLY E 76 31.95 -1.40 3.19
C GLY E 76 30.95 -0.91 4.19
N GLY E 77 30.58 0.36 4.12
CA GLY E 77 29.58 0.95 5.00
C GLY E 77 30.05 1.12 6.43
N ASN E 78 31.36 1.06 6.67
CA ASN E 78 31.96 1.24 7.98
C ASN E 78 31.95 2.72 8.41
N LYS E 79 31.86 2.99 9.71
CA LYS E 79 31.80 4.36 10.26
C LYS E 79 32.73 4.49 11.43
N LYS E 80 33.48 5.59 11.52
CA LYS E 80 34.21 5.98 12.75
C LYS E 80 33.92 7.44 13.08
N ILE E 81 33.41 7.72 14.26
CA ILE E 81 32.88 9.04 14.61
C ILE E 81 33.54 9.50 15.90
N GLU E 82 34.15 10.68 15.91
CA GLU E 82 34.96 11.11 17.05
C GLU E 82 34.59 12.53 17.45
N THR E 83 34.37 12.76 18.72
CA THR E 83 34.41 14.11 19.30
C THR E 83 35.67 14.23 20.13
N HIS E 84 36.50 15.22 19.86
CA HIS E 84 37.57 15.67 20.74
C HIS E 84 37.19 17.07 21.21
N LYS E 85 36.97 17.26 22.51
CA LYS E 85 36.53 18.53 23.08
C LYS E 85 37.39 18.90 24.28
N LEU E 86 37.87 20.12 24.32
CA LEU E 86 38.53 20.70 25.49
C LEU E 86 37.89 22.06 25.77
N THR E 87 37.39 22.27 26.99
CA THR E 87 36.70 23.51 27.38
C THR E 87 37.33 24.04 28.65
N PHE E 88 37.71 25.32 28.67
CA PHE E 88 38.50 25.95 29.73
C PHE E 88 37.90 27.29 30.16
N ARG E 89 37.76 27.53 31.47
CA ARG E 89 37.07 28.68 32.05
C ARG E 89 37.83 29.29 33.23
N GLY F 14 48.92 35.01 36.00
CA GLY F 14 49.51 33.67 36.13
C GLY F 14 49.48 32.90 34.82
N SER F 15 50.54 32.13 34.54
CA SER F 15 50.69 31.37 33.30
C SER F 15 49.65 30.25 33.13
N VAL F 16 48.95 30.24 32.00
CA VAL F 16 48.12 29.11 31.55
C VAL F 16 48.72 28.53 30.28
N GLN F 17 49.01 27.24 30.29
CA GLN F 17 49.53 26.49 29.14
C GLN F 17 48.55 25.38 28.74
N ILE F 18 48.17 25.34 27.46
CA ILE F 18 47.49 24.18 26.88
C ILE F 18 48.34 23.65 25.75
N VAL F 19 48.43 22.32 25.65
CA VAL F 19 48.95 21.61 24.49
C VAL F 19 47.85 20.65 24.05
N TYR F 20 47.44 20.74 22.80
CA TYR F 20 46.42 19.87 22.21
C TYR F 20 47.05 19.30 20.95
N LYS F 21 47.20 17.98 20.91
CA LYS F 21 48.03 17.32 19.90
C LYS F 21 47.59 15.86 19.65
N PRO F 22 46.30 15.60 19.44
CA PRO F 22 45.81 14.25 19.15
C PRO F 22 46.54 13.65 17.96
N VAL F 23 46.90 12.37 18.04
CA VAL F 23 47.60 11.64 16.98
C VAL F 23 46.65 10.57 16.44
N ASP F 24 46.46 10.54 15.12
CA ASP F 24 45.52 9.64 14.48
C ASP F 24 46.14 9.02 13.22
N LEU F 25 46.54 7.76 13.34
CA LEU F 25 46.98 6.89 12.24
C LEU F 25 45.89 5.85 11.94
N SER F 26 44.66 6.06 12.40
CA SER F 26 43.58 5.10 12.23
C SER F 26 43.12 5.01 10.78
N LYS F 27 42.54 3.87 10.40
CA LYS F 27 41.97 3.68 9.06
C LYS F 27 40.62 3.00 9.09
N VAL F 28 39.70 3.47 8.25
CA VAL F 28 38.43 2.81 7.93
C VAL F 28 38.61 2.23 6.54
N THR F 29 38.30 0.96 6.33
CA THR F 29 38.77 0.21 5.15
C THR F 29 37.80 -0.89 4.76
N SER F 30 37.75 -1.28 3.49
CA SER F 30 36.90 -2.37 3.01
C SER F 30 37.48 -3.09 1.80
N LYS F 31 37.13 -4.36 1.67
CA LYS F 31 37.21 -5.15 0.44
C LYS F 31 35.86 -5.83 0.20
N CYS F 32 35.48 -5.95 -1.06
CA CYS F 32 34.21 -6.54 -1.49
C CYS F 32 34.42 -7.30 -2.80
N GLY F 33 33.65 -8.35 -3.04
CA GLY F 33 33.57 -9.00 -4.35
C GLY F 33 32.71 -8.20 -5.32
N SER F 34 32.10 -8.85 -6.30
CA SER F 34 31.12 -8.19 -7.16
C SER F 34 29.98 -7.59 -6.33
N LEU F 35 29.73 -6.29 -6.48
CA LEU F 35 28.60 -5.60 -5.83
C LEU F 35 27.57 -5.31 -6.92
N GLY F 36 26.37 -5.85 -6.82
CA GLY F 36 25.37 -5.75 -7.88
C GLY F 36 24.16 -6.67 -7.73
N ASN F 37 23.36 -6.81 -8.77
CA ASN F 37 22.08 -7.54 -8.74
C ASN F 37 21.16 -7.04 -7.60
N ILE F 38 21.00 -5.73 -7.51
CA ILE F 38 20.18 -5.03 -6.51
C ILE F 38 18.99 -4.38 -7.20
N HIS F 39 17.78 -4.66 -6.72
CA HIS F 39 16.52 -4.21 -7.31
C HIS F 39 15.69 -3.45 -6.26
N HIS F 40 15.26 -2.23 -6.57
CA HIS F 40 14.40 -1.43 -5.71
C HIS F 40 13.17 -0.98 -6.51
N LYS F 41 11.97 -1.47 -6.17
CA LYS F 41 10.76 -1.28 -6.99
C LYS F 41 9.55 -0.88 -6.15
N PRO F 42 9.41 0.38 -5.73
CA PRO F 42 8.27 0.83 -4.93
C PRO F 42 6.97 0.96 -5.71
N GLY F 43 5.89 0.43 -5.15
CA GLY F 43 4.52 0.45 -5.64
C GLY F 43 3.72 1.69 -5.26
N GLY F 44 4.26 2.87 -5.49
CA GLY F 44 3.54 4.13 -5.30
C GLY F 44 3.28 4.48 -3.84
N GLY F 45 2.11 5.04 -3.55
CA GLY F 45 1.71 5.54 -2.23
C GLY F 45 0.86 6.80 -2.31
N GLN F 46 0.29 7.24 -1.19
CA GLN F 46 -0.46 8.50 -1.11
C GLN F 46 -0.24 9.25 0.20
N VAL F 47 -0.12 10.58 0.14
CA VAL F 47 0.18 11.45 1.27
C VAL F 47 -0.70 12.70 1.27
N GLU F 48 -1.21 13.11 2.43
CA GLU F 48 -1.87 14.38 2.64
C GLU F 48 -1.37 15.06 3.92
N VAL F 49 -1.14 16.37 3.88
CA VAL F 49 -0.88 17.18 5.08
C VAL F 49 -1.72 18.44 5.02
N LYS F 50 -2.37 18.83 6.14
CA LYS F 50 -3.08 20.10 6.28
C LYS F 50 -2.52 20.91 7.44
N SER F 51 -2.42 22.22 7.26
CA SER F 51 -2.03 23.23 8.27
C SER F 51 -2.64 24.59 7.90
N GLU F 52 -2.88 25.46 8.88
CA GLU F 52 -3.22 26.87 8.61
C GLU F 52 -1.97 27.75 8.65
N LYS F 53 -1.10 27.57 9.66
CA LYS F 53 0.13 28.35 9.82
C LYS F 53 1.36 27.48 10.05
N LEU F 54 2.48 27.89 9.48
CA LEU F 54 3.82 27.39 9.75
C LEU F 54 4.67 28.58 10.21
N ASP F 55 5.53 28.42 11.23
CA ASP F 55 6.35 29.51 11.77
C ASP F 55 7.72 29.02 12.25
N PHE F 56 8.72 29.01 11.36
CA PHE F 56 10.02 28.38 11.60
C PHE F 56 11.12 29.42 11.75
N LYS F 57 11.80 29.46 12.91
CA LYS F 57 12.84 30.44 13.30
C LYS F 57 14.13 29.72 13.73
N ASP F 58 15.28 30.36 13.52
CA ASP F 58 16.62 29.78 13.76
C ASP F 58 16.83 28.47 12.97
N ARG F 59 17.79 27.63 13.35
CA ARG F 59 18.16 26.42 12.59
C ARG F 59 17.05 25.36 12.59
N VAL F 60 16.35 25.19 11.47
CA VAL F 60 15.28 24.19 11.33
C VAL F 60 15.51 23.39 10.06
N GLN F 61 15.42 22.07 10.19
CA GLN F 61 15.33 21.14 9.07
C GLN F 61 13.91 20.58 9.08
N SER F 62 13.19 20.71 7.98
CA SER F 62 11.79 20.29 7.90
C SER F 62 11.47 19.66 6.56
N LYS F 63 10.80 18.52 6.56
CA LYS F 63 10.18 17.90 5.38
C LYS F 63 8.70 17.71 5.66
N ILE F 64 7.84 18.21 4.77
CA ILE F 64 6.40 18.05 4.87
C ILE F 64 5.87 17.38 3.59
N GLY F 65 5.19 16.25 3.70
CA GLY F 65 4.57 15.59 2.57
C GLY F 65 5.53 14.87 1.62
N SER F 66 6.63 14.30 2.09
CA SER F 66 7.58 13.56 1.25
C SER F 66 7.04 12.19 0.81
N LEU F 67 7.52 11.72 -0.33
CA LEU F 67 7.20 10.42 -0.93
C LEU F 67 8.47 9.92 -1.63
N ASP F 68 9.56 9.79 -0.88
CA ASP F 68 10.91 9.78 -1.46
C ASP F 68 11.50 8.38 -1.51
N ASN F 69 11.96 7.96 -2.69
CA ASN F 69 12.60 6.67 -2.92
C ASN F 69 14.10 6.84 -3.19
N ILE F 70 14.95 6.12 -2.47
CA ILE F 70 16.42 6.19 -2.59
C ILE F 70 16.99 4.80 -2.86
N THR F 71 17.88 4.68 -3.85
CA THR F 71 18.77 3.52 -4.01
C THR F 71 20.20 4.01 -3.93
N HIS F 72 20.98 3.50 -2.99
CA HIS F 72 22.31 3.99 -2.67
C HIS F 72 23.28 2.80 -2.53
N VAL F 73 24.21 2.64 -3.48
CA VAL F 73 25.02 1.43 -3.63
C VAL F 73 26.50 1.79 -3.88
N PRO F 74 27.20 2.40 -2.92
CA PRO F 74 28.61 2.76 -3.09
C PRO F 74 29.53 1.54 -2.95
N GLY F 75 30.59 1.46 -3.75
CA GLY F 75 31.58 0.39 -3.64
C GLY F 75 32.40 0.38 -2.35
N GLY F 76 32.43 1.51 -1.63
CA GLY F 76 33.02 1.64 -0.30
C GLY F 76 32.00 2.11 0.71
N GLY F 77 31.56 3.36 0.63
CA GLY F 77 30.52 3.91 1.51
C GLY F 77 30.97 4.13 2.95
N ASN F 78 32.28 4.09 3.18
CA ASN F 78 32.91 4.32 4.47
C ASN F 78 32.88 5.79 4.88
N LYS F 79 32.82 6.08 6.18
CA LYS F 79 32.81 7.45 6.72
C LYS F 79 33.75 7.53 7.91
N LYS F 80 34.53 8.60 8.01
CA LYS F 80 35.22 8.98 9.25
C LYS F 80 34.91 10.45 9.51
N ILE F 81 34.39 10.74 10.69
CA ILE F 81 33.82 12.06 11.03
C ILE F 81 34.47 12.51 12.32
N GLU F 82 35.03 13.71 12.35
CA GLU F 82 35.69 14.24 13.55
C GLU F 82 35.24 15.67 13.85
N THR F 83 34.93 15.92 15.11
CA THR F 83 34.87 17.28 15.67
C THR F 83 36.09 17.46 16.54
N HIS F 84 36.89 18.50 16.30
CA HIS F 84 37.90 19.00 17.23
C HIS F 84 37.45 20.37 17.70
N LYS F 85 37.22 20.54 19.00
CA LYS F 85 36.84 21.83 19.58
C LYS F 85 37.73 22.14 20.76
N LEU F 86 38.25 23.36 20.79
CA LEU F 86 38.96 23.93 21.93
C LEU F 86 38.30 25.28 22.23
N THR F 87 37.85 25.48 23.46
CA THR F 87 37.16 26.68 23.90
C THR F 87 37.82 27.21 25.15
N PHE F 88 38.18 28.49 25.17
CA PHE F 88 38.92 29.13 26.27
C PHE F 88 38.29 30.46 26.67
N ARG F 89 38.03 30.68 27.97
CA ARG F 89 37.32 31.86 28.48
C ARG F 89 37.91 32.36 29.81
#